data_5KEV
#
_entry.id   5KEV
#
_cell.length_a   211.012
_cell.length_b   211.012
_cell.length_c   211.012
_cell.angle_alpha   90.000
_cell.angle_beta   90.000
_cell.angle_gamma   90.000
#
_symmetry.space_group_name_H-M   'F 4 3 2'
#
loop_
_entity.id
_entity.type
_entity.pdbx_description
1 polymer 'VtrA Protein'
2 polymer 'VtrC Protein'
3 non-polymer 'SULFATE ION'
#
loop_
_entity_poly.entity_id
_entity_poly.type
_entity_poly.pdbx_seq_one_letter_code
_entity_poly.pdbx_strand_id
1 'polypeptide(L)'
;MTAKDDYPSLSFQQDYVYIFSSDFQLSEELGVALINALSAKEIVPERLYVMLNDKTISFSFISKNKKSKNRVLSTEKKLN
YKHISEYIVNEIEY
;
A
2 'polypeptide(L)'
;MGSSHHHHHHSQDPVHFYETSYKYQAADSTYMHDVAINVSIKGNHFTSDIIIRELVKSENKNYYNVIGHGDIIQKNTHQY
YLNFDNIDVYTGTNKANMKPYKEPTSISSLINKSNNIRVVYLSEEYVVVEFFFYDGQIITLHRY
;
B
#
# COMPACT_ATOMS: atom_id res chain seq x y z
N ASP A 5 11.86 -10.28 -9.29
CA ASP A 5 10.88 -10.00 -8.25
C ASP A 5 11.43 -10.33 -6.88
N ASP A 6 10.93 -9.63 -5.86
CA ASP A 6 11.36 -9.86 -4.50
C ASP A 6 10.25 -9.72 -3.47
N TYR A 7 9.02 -9.43 -3.89
CA TYR A 7 7.93 -9.28 -2.93
C TYR A 7 7.59 -10.64 -2.32
N PRO A 8 7.26 -10.69 -1.03
CA PRO A 8 6.94 -11.99 -0.41
C PRO A 8 5.78 -12.67 -1.11
N SER A 9 5.95 -13.98 -1.35
CA SER A 9 4.91 -14.77 -1.98
C SER A 9 3.74 -14.95 -1.02
N LEU A 10 2.57 -15.26 -1.59
CA LEU A 10 1.38 -15.50 -0.80
C LEU A 10 1.64 -16.62 0.21
N SER A 11 0.99 -16.51 1.38
CA SER A 11 1.26 -17.44 2.47
C SER A 11 0.03 -17.80 3.29
N PHE A 12 -1.16 -17.36 2.89
CA PHE A 12 -2.38 -17.70 3.62
C PHE A 12 -3.61 -17.23 2.84
N GLN A 13 -4.54 -18.15 2.59
CA GLN A 13 -5.78 -17.83 1.88
C GLN A 13 -6.93 -18.50 2.62
N GLN A 14 -7.85 -17.70 3.15
CA GLN A 14 -9.07 -18.21 3.76
C GLN A 14 -10.27 -17.70 2.96
N ASP A 15 -11.37 -17.37 3.63
CA ASP A 15 -12.57 -16.92 2.92
C ASP A 15 -12.29 -15.64 2.13
N TYR A 16 -11.77 -14.62 2.81
CA TYR A 16 -11.48 -13.35 2.17
C TYR A 16 -10.08 -12.83 2.48
N VAL A 17 -9.27 -13.59 3.22
CA VAL A 17 -7.98 -13.11 3.72
C VAL A 17 -6.87 -13.57 2.79
N TYR A 18 -5.97 -12.66 2.45
CA TYR A 18 -4.74 -12.96 1.74
C TYR A 18 -3.58 -12.32 2.47
N ILE A 19 -2.49 -13.08 2.63
CA ILE A 19 -1.35 -12.63 3.43
C ILE A 19 -0.07 -12.98 2.68
N PHE A 20 0.69 -11.96 2.30
CA PHE A 20 1.99 -12.14 1.66
C PHE A 20 3.07 -11.94 2.72
N SER A 21 3.89 -12.96 2.93
CA SER A 21 4.91 -12.89 3.96
C SER A 21 5.86 -14.06 3.81
N SER A 22 7.11 -13.84 4.21
CA SER A 22 8.11 -14.91 4.26
C SER A 22 8.14 -15.61 5.62
N ASP A 23 7.19 -15.30 6.49
CA ASP A 23 7.08 -15.95 7.80
C ASP A 23 5.74 -16.68 7.83
N PHE A 24 5.76 -17.95 7.40
CA PHE A 24 4.54 -18.73 7.33
C PHE A 24 3.91 -18.90 8.71
N GLN A 25 4.73 -18.88 9.76
CA GLN A 25 4.21 -19.05 11.12
C GLN A 25 3.36 -17.85 11.52
N LEU A 26 3.86 -16.65 11.29
CA LEU A 26 3.11 -15.44 11.64
C LEU A 26 1.89 -15.26 10.75
N SER A 27 1.96 -15.71 9.50
CA SER A 27 0.82 -15.62 8.60
C SER A 27 -0.35 -16.44 9.13
N GLU A 28 -0.11 -17.73 9.41
CA GLU A 28 -1.16 -18.60 9.96
C GLU A 28 -1.80 -17.97 11.18
N GLU A 29 -0.98 -17.57 12.16
CA GLU A 29 -1.51 -17.00 13.39
C GLU A 29 -2.32 -15.75 13.12
N LEU A 30 -1.90 -14.95 12.13
CA LEU A 30 -2.58 -13.70 11.83
C LEU A 30 -3.90 -13.93 11.10
N GLY A 31 -3.91 -14.87 10.15
CA GLY A 31 -5.13 -15.11 9.39
C GLY A 31 -6.28 -15.57 10.28
N VAL A 32 -6.05 -16.61 11.08
CA VAL A 32 -7.11 -17.12 11.95
C VAL A 32 -7.62 -16.03 12.88
N ALA A 33 -6.71 -15.21 13.40
CA ALA A 33 -7.12 -14.13 14.30
C ALA A 33 -8.02 -13.13 13.59
N LEU A 34 -7.70 -12.80 12.33
CA LEU A 34 -8.55 -11.90 11.57
C LEU A 34 -9.92 -12.50 11.33
N ILE A 35 -9.96 -13.76 10.86
CA ILE A 35 -11.22 -14.44 10.64
C ILE A 35 -12.06 -14.41 11.91
N ASN A 36 -11.46 -14.78 13.04
CA ASN A 36 -12.18 -14.79 14.31
C ASN A 36 -12.69 -13.40 14.67
N ALA A 37 -11.81 -12.40 14.61
CA ALA A 37 -12.17 -11.07 15.07
C ALA A 37 -13.28 -10.47 14.21
N LEU A 38 -13.13 -10.55 12.88
CA LEU A 38 -14.12 -9.94 12.00
C LEU A 38 -15.47 -10.64 12.08
N SER A 39 -15.48 -11.96 12.31
CA SER A 39 -16.75 -12.66 12.49
C SER A 39 -17.40 -12.26 13.80
N ALA A 40 -16.61 -12.13 14.87
CA ALA A 40 -17.15 -11.72 16.16
C ALA A 40 -17.84 -10.37 16.06
N LYS A 41 -17.19 -9.40 15.40
CA LYS A 41 -17.79 -8.10 15.15
C LYS A 41 -18.69 -8.10 13.92
N GLU A 42 -19.06 -9.27 13.42
CA GLU A 42 -19.89 -9.44 12.23
C GLU A 42 -19.53 -8.41 11.16
N ILE A 43 -18.29 -8.53 10.68
CA ILE A 43 -17.78 -7.74 9.57
C ILE A 43 -17.37 -8.70 8.46
N VAL A 44 -17.90 -8.48 7.26
CA VAL A 44 -17.64 -9.38 6.14
C VAL A 44 -16.94 -8.61 5.03
N PRO A 45 -15.60 -8.64 4.97
CA PRO A 45 -14.91 -7.98 3.86
C PRO A 45 -15.09 -8.75 2.56
N GLU A 46 -15.20 -8.01 1.45
CA GLU A 46 -15.13 -8.65 0.14
C GLU A 46 -13.77 -9.28 -0.08
N ARG A 47 -12.73 -8.73 0.54
CA ARG A 47 -11.38 -9.24 0.40
C ARG A 47 -10.48 -8.43 1.32
N LEU A 48 -9.38 -9.03 1.75
CA LEU A 48 -8.48 -8.41 2.71
C LEU A 48 -7.07 -8.89 2.40
N TYR A 49 -6.24 -7.99 1.86
CA TYR A 49 -4.86 -8.28 1.54
C TYR A 49 -3.94 -7.71 2.61
N VAL A 50 -2.84 -8.43 2.86
CA VAL A 50 -1.90 -8.06 3.92
C VAL A 50 -0.49 -8.40 3.43
N MET A 51 0.48 -7.57 3.82
CA MET A 51 1.87 -7.75 3.43
C MET A 51 2.76 -7.50 4.63
N LEU A 52 3.69 -8.43 4.88
CA LEU A 52 4.57 -8.37 6.04
C LEU A 52 6.01 -8.31 5.57
N ASN A 53 6.77 -7.36 6.11
CA ASN A 53 8.19 -7.21 5.83
C ASN A 53 8.94 -7.02 7.14
N ASP A 54 10.25 -6.81 7.04
CA ASP A 54 11.07 -6.68 8.23
C ASP A 54 10.67 -5.45 9.04
N LYS A 55 10.51 -4.30 8.37
CA LYS A 55 10.15 -3.06 9.03
C LYS A 55 8.66 -2.74 8.92
N THR A 56 8.09 -2.86 7.73
CA THR A 56 6.78 -2.32 7.42
C THR A 56 5.70 -3.39 7.48
N ILE A 57 4.47 -2.94 7.73
CA ILE A 57 3.28 -3.76 7.67
C ILE A 57 2.22 -2.97 6.92
N SER A 58 1.60 -3.58 5.92
CA SER A 58 0.58 -2.93 5.12
C SER A 58 -0.54 -3.90 4.82
N PHE A 59 -1.74 -3.36 4.62
CA PHE A 59 -2.89 -4.18 4.26
C PHE A 59 -3.87 -3.34 3.46
N SER A 60 -4.73 -4.03 2.71
CA SER A 60 -5.79 -3.39 1.94
C SER A 60 -7.09 -4.13 2.23
N PHE A 61 -8.09 -3.39 2.72
CA PHE A 61 -9.38 -3.95 3.09
C PHE A 61 -10.40 -3.52 2.04
N ILE A 62 -10.77 -4.45 1.17
CA ILE A 62 -11.76 -4.19 0.13
C ILE A 62 -13.14 -4.47 0.71
N SER A 63 -13.96 -3.44 0.78
CA SER A 63 -15.28 -3.54 1.40
C SER A 63 -16.27 -4.23 0.47
N LYS A 64 -17.39 -4.66 1.05
CA LYS A 64 -18.48 -5.19 0.24
C LYS A 64 -18.94 -4.18 -0.80
N ASN A 65 -18.77 -2.90 -0.51
CA ASN A 65 -19.09 -1.83 -1.46
C ASN A 65 -17.96 -1.58 -2.46
N LYS A 66 -16.92 -2.43 -2.46
CA LYS A 66 -15.78 -2.33 -3.36
C LYS A 66 -14.95 -1.07 -3.13
N LYS A 67 -15.16 -0.36 -2.03
CA LYS A 67 -14.32 0.76 -1.65
C LYS A 67 -13.29 0.30 -0.63
N SER A 68 -12.02 0.59 -0.91
CA SER A 68 -10.92 0.01 -0.15
C SER A 68 -10.43 0.95 0.94
N LYS A 69 -9.72 0.37 1.91
CA LYS A 69 -9.10 1.10 3.00
C LYS A 69 -7.67 0.58 3.14
N ASN A 70 -6.68 1.42 2.87
CA ASN A 70 -5.29 1.02 2.83
C ASN A 70 -4.52 1.66 3.98
N ARG A 71 -3.56 0.91 4.52
CA ARG A 71 -2.79 1.36 5.68
C ARG A 71 -1.37 0.83 5.58
N VAL A 72 -0.46 1.53 6.26
CA VAL A 72 0.93 1.12 6.36
C VAL A 72 1.39 1.39 7.79
N LEU A 73 2.29 0.53 8.28
CA LEU A 73 2.80 0.66 9.64
C LEU A 73 4.25 0.21 9.67
N SER A 74 5.15 1.12 10.02
CA SER A 74 6.55 0.81 10.24
C SER A 74 6.81 0.69 11.74
N THR A 75 7.65 -0.26 12.13
CA THR A 75 7.90 -0.54 13.54
C THR A 75 9.37 -0.86 13.76
N GLU A 76 9.89 -0.41 14.90
CA GLU A 76 11.27 -0.70 15.27
C GLU A 76 11.49 -2.20 15.42
N LYS A 77 10.84 -2.80 16.42
CA LYS A 77 10.95 -4.23 16.66
C LYS A 77 9.71 -4.95 16.12
N LYS A 78 9.90 -6.22 15.78
CA LYS A 78 8.82 -7.00 15.20
C LYS A 78 7.67 -7.15 16.18
N LEU A 79 6.46 -7.30 15.64
CA LEU A 79 5.26 -7.55 16.41
C LEU A 79 4.74 -8.95 16.11
N ASN A 80 3.82 -9.42 16.94
CA ASN A 80 3.29 -10.76 16.84
C ASN A 80 1.91 -10.73 16.20
N TYR A 81 1.25 -11.91 16.17
CA TYR A 81 -0.04 -12.02 15.51
C TYR A 81 -1.10 -11.17 16.18
N LYS A 82 -1.11 -11.13 17.51
CA LYS A 82 -2.15 -10.40 18.23
C LYS A 82 -2.03 -8.90 18.01
N HIS A 83 -0.82 -8.36 18.10
CA HIS A 83 -0.64 -6.92 17.90
C HIS A 83 -1.05 -6.51 16.49
N ILE A 84 -0.60 -7.26 15.49
CA ILE A 84 -0.95 -6.95 14.11
C ILE A 84 -2.46 -7.10 13.89
N SER A 85 -3.02 -8.20 14.41
CA SER A 85 -4.45 -8.45 14.23
C SER A 85 -5.29 -7.35 14.86
N GLU A 86 -4.94 -6.94 16.09
CA GLU A 86 -5.67 -5.86 16.74
C GLU A 86 -5.53 -4.57 15.96
N TYR A 87 -4.34 -4.30 15.41
CA TYR A 87 -4.14 -3.11 14.60
C TYR A 87 -5.02 -3.14 13.35
N ILE A 88 -4.93 -4.23 12.59
CA ILE A 88 -5.72 -4.33 11.35
C ILE A 88 -7.21 -4.24 11.65
N VAL A 89 -7.69 -5.05 12.60
CA VAL A 89 -9.11 -5.04 12.93
C VAL A 89 -9.53 -3.67 13.42
N ASN A 90 -8.66 -2.96 14.13
CA ASN A 90 -9.02 -1.63 14.63
C ASN A 90 -9.15 -0.64 13.48
N GLU A 91 -8.24 -0.68 12.51
CA GLU A 91 -8.33 0.22 11.38
C GLU A 91 -9.58 -0.05 10.55
N ILE A 92 -9.89 -1.33 10.30
CA ILE A 92 -11.06 -1.67 9.50
C ILE A 92 -12.33 -1.13 10.16
N GLU A 93 -12.62 -1.61 11.38
CA GLU A 93 -13.82 -1.19 12.08
C GLU A 93 -13.83 0.33 12.31
N TYR A 94 -12.66 0.94 12.42
CA TYR A 94 -12.56 2.36 12.73
C TYR A 94 -13.39 2.72 13.95
N PRO B 14 -5.70 3.23 -25.43
CA PRO B 14 -6.74 3.30 -24.41
C PRO B 14 -6.18 3.68 -23.04
N VAL B 15 -6.74 4.71 -22.43
CA VAL B 15 -6.24 5.21 -21.15
C VAL B 15 -7.00 4.53 -20.03
N HIS B 16 -6.26 4.07 -19.02
CA HIS B 16 -6.83 3.49 -17.80
C HIS B 16 -6.37 4.33 -16.62
N PHE B 17 -7.33 4.83 -15.85
CA PHE B 17 -7.03 5.63 -14.66
C PHE B 17 -7.08 4.77 -13.41
N TYR B 18 -6.19 5.05 -12.47
CA TYR B 18 -6.15 4.38 -11.19
C TYR B 18 -6.07 5.42 -10.08
N GLU B 19 -6.76 5.16 -8.97
CA GLU B 19 -6.74 6.08 -7.84
C GLU B 19 -6.92 5.30 -6.55
N THR B 20 -6.29 5.80 -5.49
CA THR B 20 -6.42 5.21 -4.17
C THR B 20 -5.84 6.19 -3.15
N SER B 21 -6.13 5.91 -1.88
CA SER B 21 -5.56 6.68 -0.78
C SER B 21 -5.13 5.69 0.31
N TYR B 22 -4.21 6.13 1.15
CA TYR B 22 -3.76 5.30 2.26
C TYR B 22 -3.23 6.21 3.36
N LYS B 23 -2.95 5.59 4.51
CA LYS B 23 -2.42 6.30 5.68
C LYS B 23 -1.24 5.51 6.21
N TYR B 24 -0.10 6.17 6.32
CA TYR B 24 1.11 5.59 6.90
C TYR B 24 1.20 6.01 8.36
N GLN B 25 1.61 5.07 9.22
CA GLN B 25 1.71 5.34 10.64
C GLN B 25 3.02 4.78 11.16
N ALA B 26 3.78 5.62 11.86
CA ALA B 26 5.01 5.17 12.51
C ALA B 26 4.66 4.59 13.87
N ALA B 27 5.02 3.32 14.08
CA ALA B 27 4.67 2.65 15.33
C ALA B 27 5.43 3.22 16.53
N ASP B 28 6.56 3.88 16.29
CA ASP B 28 7.37 4.46 17.37
C ASP B 28 7.19 5.97 17.47
N SER B 29 6.10 6.52 16.93
CA SER B 29 5.89 7.96 16.93
C SER B 29 4.43 8.24 16.57
N THR B 30 4.04 9.49 16.76
CA THR B 30 2.74 9.97 16.32
C THR B 30 2.76 10.44 14.87
N TYR B 31 3.92 10.41 14.23
CA TYR B 31 4.05 10.84 12.84
C TYR B 31 3.24 9.92 11.93
N MET B 32 2.68 10.50 10.86
CA MET B 32 1.86 9.73 9.94
C MET B 32 1.67 10.52 8.63
N HIS B 33 1.45 9.77 7.55
CA HIS B 33 1.09 10.35 6.26
C HIS B 33 -0.37 10.08 5.94
N ASP B 34 -0.98 11.01 5.22
CA ASP B 34 -2.21 10.77 4.47
C ASP B 34 -1.86 10.97 3.00
N VAL B 35 -1.92 9.89 2.22
CA VAL B 35 -1.41 9.88 0.85
C VAL B 35 -2.54 9.54 -0.10
N ALA B 36 -2.77 10.40 -1.09
CA ALA B 36 -3.71 10.15 -2.17
C ALA B 36 -2.91 9.91 -3.45
N ILE B 37 -3.19 8.78 -4.10
CA ILE B 37 -2.46 8.38 -5.30
C ILE B 37 -3.40 8.44 -6.50
N ASN B 38 -2.88 8.92 -7.62
CA ASN B 38 -3.63 9.00 -8.87
C ASN B 38 -2.67 8.69 -10.01
N VAL B 39 -2.99 7.69 -10.81
CA VAL B 39 -2.14 7.27 -11.93
C VAL B 39 -2.96 7.32 -13.21
N SER B 40 -2.28 7.70 -14.30
CA SER B 40 -2.87 7.73 -15.64
C SER B 40 -1.95 7.00 -16.59
N ILE B 41 -2.46 5.98 -17.26
CA ILE B 41 -1.67 5.15 -18.17
C ILE B 41 -2.34 5.16 -19.53
N LYS B 42 -1.65 5.70 -20.54
CA LYS B 42 -2.18 5.81 -21.89
C LYS B 42 -1.65 4.72 -22.82
N GLY B 43 -0.89 3.76 -22.29
CA GLY B 43 -0.39 2.67 -23.09
C GLY B 43 0.95 2.15 -22.61
N ASN B 44 2.03 2.79 -23.05
CA ASN B 44 3.37 2.47 -22.59
C ASN B 44 3.89 3.49 -21.58
N HIS B 45 3.24 4.64 -21.46
CA HIS B 45 3.66 5.70 -20.57
C HIS B 45 2.65 5.88 -19.44
N PHE B 46 3.10 6.52 -18.36
CA PHE B 46 2.25 6.75 -17.21
C PHE B 46 2.48 8.15 -16.68
N THR B 47 1.50 8.62 -15.91
CA THR B 47 1.61 9.89 -15.19
C THR B 47 1.01 9.67 -13.81
N SER B 48 1.84 9.80 -12.78
CA SER B 48 1.41 9.62 -11.40
C SER B 48 1.31 10.96 -10.71
N ASP B 49 0.31 11.09 -9.84
CA ASP B 49 0.08 12.32 -9.08
C ASP B 49 -0.17 11.91 -7.63
N ILE B 50 0.69 12.37 -6.73
CA ILE B 50 0.67 11.97 -5.34
C ILE B 50 0.62 13.22 -4.46
N ILE B 51 -0.24 13.19 -3.45
CA ILE B 51 -0.36 14.27 -2.47
C ILE B 51 -0.13 13.67 -1.10
N ILE B 52 0.86 14.16 -0.38
CA ILE B 52 1.24 13.66 0.93
C ILE B 52 1.02 14.79 1.92
N ARG B 53 0.07 14.61 2.83
CA ARG B 53 -0.15 15.54 3.93
C ARG B 53 0.39 14.91 5.21
N GLU B 54 1.42 15.53 5.79
CA GLU B 54 2.03 15.04 7.01
C GLU B 54 1.29 15.58 8.23
N LEU B 55 1.07 14.71 9.21
CA LEU B 55 0.45 15.10 10.47
C LEU B 55 1.31 14.64 11.63
N VAL B 56 1.63 15.56 12.54
CA VAL B 56 2.31 15.26 13.79
C VAL B 56 1.39 15.71 14.91
N LYS B 57 1.06 14.79 15.82
CA LYS B 57 0.12 15.07 16.91
C LYS B 57 -1.24 15.51 16.36
N SER B 58 -1.66 14.89 15.26
CA SER B 58 -2.97 15.15 14.65
C SER B 58 -3.10 16.61 14.23
N GLU B 59 -2.05 17.15 13.63
CA GLU B 59 -2.05 18.54 13.17
C GLU B 59 -1.39 18.60 11.79
N ASN B 60 -2.10 19.15 10.81
CA ASN B 60 -1.56 19.28 9.47
C ASN B 60 -0.24 20.03 9.50
N LYS B 61 0.87 19.28 9.46
CA LYS B 61 2.21 19.87 9.55
C LYS B 61 2.68 20.38 8.19
N ASN B 62 2.98 19.47 7.27
CA ASN B 62 3.55 19.80 5.98
C ASN B 62 2.80 19.03 4.90
N TYR B 63 3.06 19.40 3.64
CA TYR B 63 2.46 18.70 2.52
C TYR B 63 3.49 18.54 1.41
N TYR B 64 3.25 17.55 0.55
CA TYR B 64 4.08 17.32 -0.63
C TYR B 64 3.17 16.99 -1.80
N ASN B 65 3.40 17.64 -2.94
CA ASN B 65 2.81 17.24 -4.22
C ASN B 65 3.93 16.68 -5.07
N VAL B 66 3.82 15.42 -5.47
CA VAL B 66 4.82 14.75 -6.28
C VAL B 66 4.15 14.29 -7.57
N ILE B 67 4.75 14.65 -8.70
CA ILE B 67 4.23 14.30 -10.02
C ILE B 67 5.29 13.49 -10.75
N GLY B 68 4.88 12.35 -11.31
CA GLY B 68 5.78 11.47 -12.01
C GLY B 68 5.38 11.24 -13.45
N HIS B 69 6.34 10.84 -14.29
CA HIS B 69 6.09 10.55 -15.67
C HIS B 69 7.20 9.65 -16.20
N GLY B 70 6.83 8.71 -17.06
CA GLY B 70 7.81 7.79 -17.61
C GLY B 70 7.17 6.64 -18.33
N ASP B 71 7.86 5.50 -18.35
CA ASP B 71 7.41 4.30 -19.03
C ASP B 71 7.04 3.23 -18.02
N ILE B 72 5.93 2.54 -18.27
CA ILE B 72 5.55 1.34 -17.53
C ILE B 72 5.76 0.16 -18.47
N ILE B 73 6.68 -0.72 -18.09
CA ILE B 73 7.09 -1.85 -18.92
C ILE B 73 6.59 -3.13 -18.27
N GLN B 74 5.85 -3.93 -19.03
CA GLN B 74 5.33 -5.21 -18.55
C GLN B 74 6.36 -6.29 -18.85
N LYS B 75 6.96 -6.85 -17.80
CA LYS B 75 7.91 -7.94 -17.96
C LYS B 75 7.17 -9.26 -18.16
N ASN B 76 6.38 -9.66 -17.17
CA ASN B 76 5.53 -10.85 -17.25
C ASN B 76 4.06 -10.40 -17.19
N THR B 77 3.17 -11.38 -17.13
CA THR B 77 1.74 -11.07 -17.11
C THR B 77 1.32 -10.35 -15.84
N HIS B 78 2.09 -10.51 -14.75
CA HIS B 78 1.75 -9.91 -13.47
C HIS B 78 2.96 -9.26 -12.82
N GLN B 79 3.93 -8.82 -13.63
CA GLN B 79 5.18 -8.25 -13.13
C GLN B 79 5.58 -7.09 -14.02
N TYR B 80 5.46 -5.87 -13.50
CA TYR B 80 5.75 -4.64 -14.24
C TYR B 80 6.95 -3.95 -13.61
N TYR B 81 7.31 -2.79 -14.18
CA TYR B 81 8.27 -1.90 -13.56
C TYR B 81 8.20 -0.55 -14.26
N LEU B 82 8.45 0.50 -13.48
CA LEU B 82 8.33 1.88 -13.97
C LEU B 82 9.71 2.49 -14.18
N ASN B 83 9.84 3.25 -15.26
CA ASN B 83 11.05 4.00 -15.56
C ASN B 83 10.68 5.48 -15.67
N PHE B 84 11.00 6.25 -14.63
CA PHE B 84 10.66 7.66 -14.58
C PHE B 84 11.61 8.49 -15.43
N ASP B 85 11.06 9.41 -16.20
CA ASP B 85 11.85 10.42 -16.89
C ASP B 85 11.61 11.82 -16.33
N ASN B 86 10.69 11.96 -15.37
CA ASN B 86 10.42 13.26 -14.76
C ASN B 86 9.81 13.02 -13.38
N ILE B 87 10.34 13.71 -12.38
CA ILE B 87 9.77 13.73 -11.04
C ILE B 87 9.78 15.16 -10.54
N ASP B 88 8.63 15.63 -10.05
CA ASP B 88 8.43 17.04 -9.70
C ASP B 88 7.83 17.10 -8.30
N VAL B 89 8.52 17.78 -7.39
CA VAL B 89 8.12 17.83 -5.99
C VAL B 89 7.79 19.27 -5.62
N TYR B 90 6.59 19.49 -5.09
CA TYR B 90 6.19 20.76 -4.50
C TYR B 90 5.99 20.56 -3.01
N THR B 91 6.43 21.53 -2.21
CA THR B 91 6.28 21.45 -0.77
C THR B 91 6.08 22.85 -0.21
N GLY B 92 5.79 22.90 1.09
CA GLY B 92 5.67 24.17 1.77
C GLY B 92 7.00 24.92 1.82
N THR B 93 6.94 26.22 1.54
CA THR B 93 8.16 27.03 1.50
C THR B 93 8.84 27.07 2.87
N ASN B 94 8.05 27.11 3.94
CA ASN B 94 8.61 27.22 5.27
C ASN B 94 9.24 25.89 5.69
N LYS B 95 10.46 25.96 6.22
CA LYS B 95 11.19 24.77 6.65
C LYS B 95 11.95 25.04 7.95
N TYR B 101 10.79 12.89 10.02
CA TYR B 101 10.06 12.70 8.77
C TYR B 101 10.48 11.41 8.07
N LYS B 102 9.54 10.81 7.34
CA LYS B 102 9.79 9.60 6.57
C LYS B 102 9.28 9.81 5.15
N GLU B 103 10.14 9.55 4.17
CA GLU B 103 9.73 9.66 2.77
C GLU B 103 9.35 8.29 2.24
N PRO B 104 8.17 8.13 1.63
CA PRO B 104 7.82 6.80 1.09
C PRO B 104 8.87 6.22 0.17
N THR B 105 9.49 7.06 -0.65
CA THR B 105 10.56 6.63 -1.53
C THR B 105 11.49 7.82 -1.76
N SER B 106 12.75 7.52 -2.02
CA SER B 106 13.74 8.57 -2.27
C SER B 106 13.72 8.94 -3.75
N ILE B 107 13.79 10.25 -4.02
CA ILE B 107 13.68 10.72 -5.40
C ILE B 107 14.80 10.15 -6.25
N SER B 108 15.99 9.98 -5.67
CA SER B 108 17.11 9.47 -6.44
C SER B 108 16.91 8.00 -6.82
N SER B 109 16.31 7.21 -5.92
CA SER B 109 16.08 5.80 -6.22
C SER B 109 15.04 5.60 -7.32
N LEU B 110 14.26 6.63 -7.63
CA LEU B 110 13.28 6.55 -8.70
C LEU B 110 13.87 6.94 -10.05
N ILE B 111 14.75 7.94 -10.07
CA ILE B 111 15.27 8.49 -11.32
C ILE B 111 16.51 7.72 -11.77
N ASN B 112 16.84 6.64 -11.07
CA ASN B 112 18.01 5.85 -11.41
C ASN B 112 17.69 4.37 -11.62
N LYS B 113 16.76 3.81 -10.85
CA LYS B 113 16.43 2.41 -10.90
C LYS B 113 15.09 2.18 -11.59
N SER B 114 14.84 0.92 -11.93
CA SER B 114 13.52 0.49 -12.36
C SER B 114 12.75 -0.01 -11.14
N ASN B 115 11.54 0.50 -10.97
CA ASN B 115 10.76 0.29 -9.75
C ASN B 115 9.68 -0.76 -10.02
N ASN B 116 9.79 -1.89 -9.34
CA ASN B 116 8.97 -3.06 -9.67
C ASN B 116 7.55 -2.93 -9.12
N ILE B 117 6.60 -3.41 -9.90
CA ILE B 117 5.20 -3.49 -9.50
C ILE B 117 4.68 -4.87 -9.88
N ARG B 118 4.34 -5.68 -8.89
CA ARG B 118 3.80 -7.01 -9.10
C ARG B 118 2.30 -7.00 -8.85
N VAL B 119 1.51 -7.34 -9.87
CA VAL B 119 0.07 -7.45 -9.73
C VAL B 119 -0.25 -8.80 -9.10
N VAL B 120 -1.26 -8.81 -8.23
CA VAL B 120 -1.69 -10.04 -7.57
C VAL B 120 -3.16 -10.33 -7.80
N TYR B 121 -3.93 -9.36 -8.29
CA TYR B 121 -5.32 -9.58 -8.65
C TYR B 121 -5.76 -8.47 -9.59
N LEU B 122 -6.42 -8.86 -10.68
CA LEU B 122 -6.91 -7.91 -11.68
C LEU B 122 -8.43 -7.98 -11.75
N SER B 123 -9.06 -6.82 -11.83
CA SER B 123 -10.50 -6.71 -11.95
C SER B 123 -10.82 -5.52 -12.84
N GLU B 124 -12.09 -5.39 -13.21
CA GLU B 124 -12.52 -4.24 -13.99
C GLU B 124 -12.82 -3.02 -13.14
N GLU B 125 -13.04 -3.20 -11.84
CA GLU B 125 -13.29 -2.08 -10.93
C GLU B 125 -12.05 -1.66 -10.15
N TYR B 126 -11.09 -2.57 -9.95
CA TYR B 126 -9.92 -2.25 -9.15
C TYR B 126 -8.81 -3.25 -9.47
N VAL B 127 -7.61 -2.93 -8.99
CA VAL B 127 -6.44 -3.80 -9.13
C VAL B 127 -5.69 -3.79 -7.80
N VAL B 128 -5.06 -4.92 -7.50
CA VAL B 128 -4.29 -5.09 -6.27
C VAL B 128 -2.84 -5.39 -6.66
N VAL B 129 -1.91 -4.62 -6.11
CA VAL B 129 -0.51 -4.69 -6.48
C VAL B 129 0.37 -4.64 -5.25
N GLU B 130 1.61 -5.09 -5.42
CA GLU B 130 2.69 -4.90 -4.45
C GLU B 130 3.72 -3.98 -5.10
N PHE B 131 3.91 -2.80 -4.52
CA PHE B 131 4.79 -1.82 -5.14
C PHE B 131 5.87 -1.34 -4.17
N PHE B 132 6.63 -0.33 -4.58
CA PHE B 132 7.97 -0.09 -4.05
C PHE B 132 8.01 0.92 -2.90
N PHE B 133 6.91 1.58 -2.58
CA PHE B 133 6.92 2.50 -1.44
C PHE B 133 7.31 1.77 -0.17
N TYR B 134 8.14 2.42 0.64
CA TYR B 134 8.60 1.87 1.92
C TYR B 134 9.34 0.55 1.73
N ASP B 135 9.91 0.34 0.55
CA ASP B 135 10.63 -0.89 0.24
C ASP B 135 9.74 -2.12 0.37
N GLY B 136 8.44 -1.95 0.08
CA GLY B 136 7.51 -3.06 0.16
C GLY B 136 6.16 -2.64 0.71
N GLN B 137 5.15 -2.56 -0.17
CA GLN B 137 3.81 -2.14 0.24
C GLN B 137 2.81 -2.80 -0.69
N ILE B 138 1.65 -3.15 -0.13
CA ILE B 138 0.53 -3.71 -0.88
C ILE B 138 -0.65 -2.77 -0.75
N ILE B 139 -1.40 -2.61 -1.83
CA ILE B 139 -2.43 -1.56 -1.90
C ILE B 139 -3.40 -1.93 -3.01
N THR B 140 -4.63 -1.41 -2.90
CA THR B 140 -5.67 -1.59 -3.89
C THR B 140 -5.97 -0.25 -4.56
N LEU B 141 -6.08 -0.27 -5.89
CA LEU B 141 -6.36 0.94 -6.66
C LEU B 141 -7.68 0.75 -7.43
N HIS B 142 -8.53 1.75 -7.37
CA HIS B 142 -9.79 1.75 -8.10
C HIS B 142 -9.56 2.21 -9.54
N ARG B 143 -10.30 1.60 -10.46
CA ARG B 143 -10.17 1.88 -11.88
C ARG B 143 -11.27 2.85 -12.33
N TYR B 144 -10.95 3.64 -13.36
CA TYR B 144 -11.94 4.50 -14.00
C TYR B 144 -11.36 5.09 -15.27
#